data_9G4R
#
_entry.id   9G4R
#
_cell.length_a   110.761
_cell.length_b   110.761
_cell.length_c   74.784
_cell.angle_alpha   90.00
_cell.angle_beta   90.00
_cell.angle_gamma   120.00
#
_symmetry.space_group_name_H-M   'P 65 2 2'
#
loop_
_entity.id
_entity.type
_entity.pdbx_description
1 polymer 'RNA (47-MER)'
2 non-polymer 'SULFATE ION'
3 non-polymer 'SODIUM ION'
4 water water
#
_entity_poly.entity_id   1
_entity_poly.type   'polyribonucleotide'
_entity_poly.pdbx_seq_one_letter_code
;CC(CBV)UACAGACGGAUUGAACGGCAACCGAUAGCGAGAAUCGGGUAGGG
;
_entity_poly.pdbx_strand_id   A
#
loop_
_chem_comp.id
_chem_comp.type
_chem_comp.name
_chem_comp.formula
A RNA linking ADENOSINE-5'-MONOPHOSPHATE 'C10 H14 N5 O7 P'
C RNA linking CYTIDINE-5'-MONOPHOSPHATE 'C9 H14 N3 O8 P'
CBV RNA linking '5-BROMOCYTIDINE 5'-(DIHYDROGEN PHOSPHATE)' 'C9 H13 Br N3 O8 P'
G RNA linking GUANOSINE-5'-MONOPHOSPHATE 'C10 H14 N5 O8 P'
NA non-polymer 'SODIUM ION' 'Na 1'
SO4 non-polymer 'SULFATE ION' 'O4 S -2'
U RNA linking URIDINE-5'-MONOPHOSPHATE 'C9 H13 N2 O9 P'
#
# COMPACT_ATOMS: atom_id res chain seq x y z
P CBV A 3 -2.26 -5.69 -2.51
O1P CBV A 3 -3.61 -5.51 -1.87
O2P CBV A 3 -1.81 -4.79 -3.63
O5' CBV A 3 -1.19 -5.59 -1.36
C5' CBV A 3 -1.31 -6.47 -0.25
C4' CBV A 3 -0.10 -6.39 0.62
O4' CBV A 3 1.01 -7.03 -0.05
C3' CBV A 3 0.40 -5.00 0.94
O3' CBV A 3 -0.37 -4.40 1.96
C2' CBV A 3 1.86 -5.26 1.28
O2' CBV A 3 1.99 -5.77 2.61
C1' CBV A 3 2.21 -6.38 0.30
N1 CBV A 3 2.85 -5.89 -0.93
C2 CBV A 3 4.20 -5.50 -0.88
O2 CBV A 3 4.77 -5.56 0.23
N3 CBV A 3 4.86 -5.05 -1.94
C4 CBV A 3 4.25 -4.99 -3.14
N4 CBV A 3 4.92 -4.55 -4.22
C5 CBV A 3 2.83 -5.41 -3.23
C6 CBV A 3 2.19 -5.86 -2.10
BR CBV A 3 1.90 -5.26 -4.85
H5'1 CBV A 3 -2.20 -6.21 0.34
H5'2 CBV A 3 -1.43 -7.50 -0.61
H4' CBV A 3 -0.31 -6.91 1.57
H3' CBV A 3 0.38 -4.37 0.04
HO3' CBV A 3 0.21 -4.12 2.68
H2' CBV A 3 2.47 -4.36 1.12
HO2' CBV A 3 2.72 -6.41 2.63
H1' CBV A 3 2.90 -7.07 0.80
HN41 CBV A 3 5.89 -4.27 -4.13
HN42 CBV A 3 4.47 -4.51 -5.11
H6 CBV A 3 1.16 -6.19 -2.15
S SO4 B . -9.65 15.22 8.96
O1 SO4 B . -9.88 14.03 8.14
O2 SO4 B . -8.64 14.93 9.97
O3 SO4 B . -9.18 16.31 8.12
O4 SO4 B . -10.89 15.61 9.60
S SO4 C . -1.07 14.88 -4.13
O1 SO4 C . -1.30 14.09 -5.33
O2 SO4 C . 0.25 14.55 -3.54
O3 SO4 C . -1.08 16.30 -4.49
O4 SO4 C . -2.15 14.59 -3.14
NA NA D . 7.74 27.80 1.66
#